data_7QB3
#
_entry.id   7QB3
#
loop_
_entity.id
_entity.type
_entity.pdbx_description
1 polymer 'Lanthanide-binding aptamer'
2 non-polymer 'LUTETIUM (III) ION'
#
_entity_poly.entity_id   1
_entity_poly.type   'polydeoxyribonucleotide'
_entity_poly.pdbx_seq_one_letter_code
;(DC)(DG)(DG)(DC)(DC)(DG)(DT)(DC)(DG)(DA)(DA)(DG)(DA)(DC)(DC)(DC)(DG)(DC)(DG)(DA)
(DA)(DG)(DT)(DG)(DG)(DC)(DC)(DG)
;
_entity_poly.pdbx_strand_id   A
#